data_3TQB
#
_entry.id   3TQB
#
_cell.length_a   48.154
_cell.length_b   37.409
_cell.length_c   52.943
_cell.angle_alpha   90.00
_cell.angle_beta   108.19
_cell.angle_gamma   90.00
#
_symmetry.space_group_name_H-M   'P 1 21 1'
#
loop_
_entity.id
_entity.type
_entity.pdbx_description
1 polymer 'Dihydrofolate reductase'
2 non-polymer 'NADPH DIHYDRO-NICOTINAMIDE-ADENINE-DINUCLEOTIDE PHOSPHATE'
3 non-polymer 'FOLIC ACID'
#
_entity_poly.entity_id   1
_entity_poly.type   'polypeptide(L)'
_entity_poly.pdbx_seq_one_letter_code
;MIITLIAAMDKNRLIGRNNELPWHLPADLAHFKSITLGKPIVMGRRTFDSIGKPLPHRRNIVITQQKNLIIEGCDIFYSL
DDALSALTKEPEVIIIGGARIFKEALPKADKMILTIINHSFEGDVYFPEWNDKEWKITSQIKHERDEKNPYPFQFLELRR
LENLYFQGHHHHHHHHHH
;
_entity_poly.pdbx_strand_id   A
#
loop_
_chem_comp.id
_chem_comp.type
_chem_comp.name
_chem_comp.formula
FOL non-polymer 'FOLIC ACID' 'C19 H19 N7 O6'
NDP non-polymer 'NADPH DIHYDRO-NICOTINAMIDE-ADENINE-DINUCLEOTIDE PHOSPHATE' 'C21 H30 N7 O17 P3'
#
# COMPACT_ATOMS: atom_id res chain seq x y z
N MET A 1 0.73 -15.26 9.30
CA MET A 1 0.90 -13.84 8.88
C MET A 1 -0.28 -13.42 8.00
N ILE A 2 -0.84 -12.25 8.30
CA ILE A 2 -1.93 -11.67 7.50
C ILE A 2 -1.36 -10.58 6.60
N ILE A 3 -1.36 -10.83 5.29
CA ILE A 3 -0.87 -9.85 4.32
C ILE A 3 -2.00 -8.92 3.91
N THR A 4 -1.79 -7.61 4.07
CA THR A 4 -2.83 -6.63 3.83
C THR A 4 -2.36 -5.57 2.85
N LEU A 5 -3.19 -5.28 1.85
CA LEU A 5 -2.93 -4.18 0.92
C LEU A 5 -3.77 -2.98 1.32
N ILE A 6 -3.17 -1.79 1.26
CA ILE A 6 -3.87 -0.55 1.54
C ILE A 6 -3.54 0.47 0.45
N ALA A 7 -4.56 1.10 -0.11
CA ALA A 7 -4.37 2.04 -1.21
C ALA A 7 -5.59 2.93 -1.43
N ALA A 8 -5.34 4.19 -1.77
CA ALA A 8 -6.39 5.11 -2.19
C ALA A 8 -6.38 5.19 -3.70
N MET A 9 -7.56 5.05 -4.31
CA MET A 9 -7.68 5.03 -5.77
C MET A 9 -9.00 5.65 -6.23
N ASP A 10 -9.13 5.86 -7.53
CA ASP A 10 -10.33 6.43 -8.12
C ASP A 10 -11.10 5.36 -8.92
N LYS A 11 -12.14 5.78 -9.64
CA LYS A 11 -13.00 4.87 -10.40
C LYS A 11 -12.26 4.08 -11.48
N ASN A 12 -11.19 4.65 -12.04
CA ASN A 12 -10.36 3.96 -13.03
C ASN A 12 -9.07 3.35 -12.44
N ARG A 13 -9.07 3.10 -11.13
CA ARG A 13 -7.93 2.50 -10.42
C ARG A 13 -6.62 3.31 -10.53
N LEU A 14 -6.74 4.63 -10.61
CA LEU A 14 -5.56 5.50 -10.67
C LEU A 14 -5.03 5.73 -9.25
N ILE A 15 -3.72 5.69 -9.09
CA ILE A 15 -3.10 5.91 -7.77
C ILE A 15 -2.04 7.02 -7.74
N GLY A 16 -1.33 7.24 -8.85
CA GLY A 16 -0.24 8.24 -8.89
C GLY A 16 -0.16 9.05 -10.18
N ARG A 17 0.63 10.12 -10.12
CA ARG A 17 0.85 11.03 -11.25
C ARG A 17 2.19 11.76 -11.08
N ASN A 18 3.15 11.46 -11.95
CA ASN A 18 4.51 12.03 -11.85
C ASN A 18 5.11 11.85 -10.45
N ASN A 19 5.08 10.61 -9.97
CA ASN A 19 5.63 10.23 -8.67
C ASN A 19 4.99 10.98 -7.49
N GLU A 20 3.72 11.32 -7.64
CA GLU A 20 2.96 12.02 -6.59
C GLU A 20 1.52 11.53 -6.54
N LEU A 21 0.81 11.85 -5.46
CA LEU A 21 -0.62 11.60 -5.37
C LEU A 21 -1.36 12.65 -6.19
N PRO A 22 -2.31 12.23 -7.06
CA PRO A 22 -3.06 13.21 -7.86
C PRO A 22 -4.14 14.00 -7.11
N TRP A 23 -4.24 13.79 -5.79
CA TRP A 23 -5.22 14.48 -4.95
C TRP A 23 -4.64 14.74 -3.56
N HIS A 24 -5.46 15.34 -2.70
CA HIS A 24 -5.12 15.50 -1.29
C HIS A 24 -6.39 15.41 -0.45
N LEU A 25 -6.54 14.31 0.29
CA LEU A 25 -7.70 14.07 1.12
C LEU A 25 -7.27 13.74 2.55
N PRO A 26 -7.25 14.76 3.44
CA PRO A 26 -6.83 14.58 4.84
C PRO A 26 -7.55 13.45 5.57
N ALA A 27 -8.84 13.27 5.29
CA ALA A 27 -9.62 12.18 5.88
C ALA A 27 -9.05 10.81 5.54
N ASP A 28 -8.59 10.64 4.31
CA ASP A 28 -7.98 9.40 3.86
C ASP A 28 -6.58 9.20 4.46
N LEU A 29 -5.84 10.30 4.64
CA LEU A 29 -4.51 10.25 5.23
C LEU A 29 -4.54 9.93 6.73
N ALA A 30 -5.59 10.40 7.41
CA ALA A 30 -5.81 10.07 8.82
C ALA A 30 -6.22 8.61 8.99
N HIS A 31 -7.05 8.13 8.06
CA HIS A 31 -7.44 6.72 7.98
C HIS A 31 -6.22 5.82 7.75
N PHE A 32 -5.35 6.25 6.85
CA PHE A 32 -4.10 5.54 6.57
C PHE A 32 -3.19 5.45 7.80
N LYS A 33 -3.15 6.52 8.60
CA LYS A 33 -2.29 6.58 9.77
C LYS A 33 -2.74 5.62 10.87
N SER A 34 -4.03 5.66 11.19
CA SER A 34 -4.58 4.80 12.23
C SER A 34 -4.47 3.31 11.86
N ILE A 35 -4.68 3.00 10.59
CA ILE A 35 -4.61 1.62 10.09
C ILE A 35 -3.18 1.08 10.12
N THR A 36 -2.20 1.92 9.80
CA THR A 36 -0.81 1.49 9.69
C THR A 36 0.01 1.63 10.96
N LEU A 37 -0.50 2.36 11.96
CA LEU A 37 0.24 2.62 13.21
C LEU A 37 0.59 1.35 13.97
N GLY A 38 1.86 1.22 14.34
CA GLY A 38 2.35 0.08 15.11
C GLY A 38 2.46 -1.22 14.32
N LYS A 39 2.62 -1.10 13.00
CA LYS A 39 2.70 -2.27 12.14
C LYS A 39 3.83 -2.10 11.10
N PRO A 40 4.32 -3.22 10.55
CA PRO A 40 5.29 -3.14 9.44
C PRO A 40 4.62 -2.67 8.15
N ILE A 41 5.26 -1.73 7.45
CA ILE A 41 4.77 -1.25 6.16
C ILE A 41 5.83 -1.47 5.08
N VAL A 42 5.49 -2.28 4.09
CA VAL A 42 6.37 -2.56 2.96
C VAL A 42 5.99 -1.67 1.78
N MET A 43 6.99 -1.02 1.19
CA MET A 43 6.77 -0.12 0.05
C MET A 43 7.84 -0.28 -1.01
N GLY A 44 7.50 0.13 -2.24
CA GLY A 44 8.48 0.22 -3.33
C GLY A 44 9.37 1.44 -3.15
N ARG A 45 10.46 1.49 -3.90
CA ARG A 45 11.46 2.55 -3.73
C ARG A 45 10.95 3.92 -4.17
N ARG A 46 10.14 3.96 -5.22
CA ARG A 46 9.55 5.21 -5.70
C ARG A 46 8.49 5.73 -4.74
N THR A 47 7.78 4.82 -4.08
CA THR A 47 6.79 5.20 -3.08
C THR A 47 7.46 5.89 -1.88
N PHE A 48 8.65 5.44 -1.50
CA PHE A 48 9.41 6.12 -0.44
C PHE A 48 9.78 7.53 -0.87
N ASP A 49 10.26 7.67 -2.09
CA ASP A 49 10.57 8.98 -2.66
C ASP A 49 9.33 9.88 -2.71
N SER A 50 8.16 9.27 -2.95
CA SER A 50 6.89 9.98 -2.92
C SER A 50 6.63 10.57 -1.53
N ILE A 51 6.90 9.79 -0.49
CA ILE A 51 6.70 10.25 0.89
C ILE A 51 7.80 11.23 1.30
N GLY A 52 9.05 10.87 0.99
CA GLY A 52 10.20 11.75 1.23
C GLY A 52 10.98 11.47 2.49
N LYS A 53 10.33 10.84 3.46
CA LYS A 53 10.97 10.45 4.72
C LYS A 53 10.26 9.22 5.30
N PRO A 54 10.88 8.58 6.33
CA PRO A 54 10.21 7.46 6.98
C PRO A 54 8.94 7.89 7.70
N LEU A 55 7.88 7.09 7.59
CA LEU A 55 6.64 7.35 8.32
C LEU A 55 6.89 7.09 9.81
N PRO A 56 6.61 8.08 10.68
CA PRO A 56 6.97 7.90 12.08
C PRO A 56 6.14 6.84 12.80
N HIS A 57 6.71 6.27 13.86
CA HIS A 57 6.05 5.26 14.70
C HIS A 57 5.73 3.96 13.95
N ARG A 58 6.46 3.71 12.86
CA ARG A 58 6.24 2.53 12.02
C ARG A 58 7.55 2.00 11.45
N ARG A 59 7.66 0.67 11.36
CA ARG A 59 8.81 0.04 10.73
C ARG A 59 8.67 0.17 9.22
N ASN A 60 9.38 1.13 8.65
CA ASN A 60 9.36 1.36 7.20
C ASN A 60 10.24 0.34 6.49
N ILE A 61 9.63 -0.48 5.64
CA ILE A 61 10.39 -1.46 4.85
C ILE A 61 10.35 -1.09 3.37
N VAL A 62 11.52 -0.95 2.77
CA VAL A 62 11.64 -0.52 1.38
C VAL A 62 12.22 -1.62 0.49
N ILE A 63 11.53 -1.92 -0.60
CA ILE A 63 11.98 -2.91 -1.58
C ILE A 63 12.80 -2.17 -2.64
N THR A 64 13.88 -2.80 -3.08
CA THR A 64 14.76 -2.22 -4.11
C THR A 64 15.67 -3.30 -4.68
N GLN A 65 16.18 -3.05 -5.88
CA GLN A 65 17.19 -3.93 -6.48
C GLN A 65 18.58 -3.31 -6.39
N GLN A 66 18.66 -2.02 -6.07
CA GLN A 66 19.95 -1.36 -5.88
C GLN A 66 20.63 -1.92 -4.63
N LYS A 67 21.70 -2.68 -4.84
CA LYS A 67 22.33 -3.46 -3.78
C LYS A 67 23.16 -2.63 -2.80
N ASN A 68 23.57 -1.43 -3.19
CA ASN A 68 24.32 -0.52 -2.31
C ASN A 68 23.48 0.62 -1.75
N LEU A 69 22.18 0.63 -2.05
CA LEU A 69 21.30 1.72 -1.64
C LEU A 69 21.03 1.70 -0.14
N ILE A 70 21.39 2.79 0.52
CA ILE A 70 21.14 2.96 1.95
C ILE A 70 20.06 4.01 2.14
N ILE A 71 19.16 3.77 3.10
CA ILE A 71 18.10 4.71 3.42
C ILE A 71 18.00 4.89 4.93
N GLU A 72 17.96 6.15 5.37
CA GLU A 72 17.90 6.48 6.79
C GLU A 72 16.52 6.13 7.36
N GLY A 73 16.50 5.27 8.37
CA GLY A 73 15.27 4.95 9.10
C GLY A 73 14.38 3.90 8.48
N CYS A 74 14.82 3.26 7.40
CA CYS A 74 14.07 2.18 6.76
C CYS A 74 14.93 0.92 6.67
N ASP A 75 14.26 -0.23 6.70
CA ASP A 75 14.92 -1.51 6.45
C ASP A 75 14.80 -1.83 4.96
N ILE A 76 15.90 -2.21 4.34
CA ILE A 76 15.93 -2.46 2.90
C ILE A 76 16.12 -3.94 2.59
N PHE A 77 15.19 -4.48 1.80
CA PHE A 77 15.29 -5.85 1.29
C PHE A 77 15.25 -5.83 -0.24
N TYR A 78 15.73 -6.91 -0.85
CA TYR A 78 15.95 -6.95 -2.30
C TYR A 78 14.86 -7.69 -3.07
N SER A 79 13.83 -8.16 -2.36
CA SER A 79 12.64 -8.74 -2.99
C SER A 79 11.50 -8.75 -1.97
N LEU A 80 10.26 -8.87 -2.46
CA LEU A 80 9.10 -8.97 -1.59
C LEU A 80 9.14 -10.25 -0.77
N ASP A 81 9.67 -11.33 -1.35
CA ASP A 81 9.80 -12.62 -0.67
C ASP A 81 10.78 -12.59 0.51
N ASP A 82 11.90 -11.88 0.35
CA ASP A 82 12.85 -11.69 1.47
C ASP A 82 12.25 -10.80 2.57
N ALA A 83 11.26 -9.96 2.20
CA ALA A 83 10.57 -9.12 3.18
C ALA A 83 9.62 -9.97 4.02
N LEU A 84 8.73 -10.68 3.33
CA LEU A 84 7.75 -11.57 3.97
C LEU A 84 8.46 -12.67 4.76
N SER A 85 9.57 -13.18 4.23
CA SER A 85 10.39 -14.17 4.92
C SER A 85 10.94 -13.61 6.23
N ALA A 86 11.44 -12.38 6.20
CA ALA A 86 12.02 -11.75 7.39
C ALA A 86 10.96 -11.36 8.42
N LEU A 87 9.72 -11.22 7.97
CA LEU A 87 8.60 -10.90 8.86
C LEU A 87 7.69 -12.11 9.06
N THR A 88 8.28 -13.30 9.13
CA THR A 88 7.51 -14.54 9.34
C THR A 88 6.87 -14.56 10.71
N LYS A 89 7.60 -14.04 11.71
CA LYS A 89 7.13 -14.02 13.09
C LYS A 89 6.05 -12.97 13.34
N GLU A 90 5.92 -12.00 12.44
CA GLU A 90 4.90 -10.95 12.56
C GLU A 90 3.48 -11.51 12.39
N PRO A 91 2.49 -10.88 13.05
CA PRO A 91 1.10 -11.27 12.90
C PRO A 91 0.44 -10.68 11.65
N GLU A 92 0.77 -9.43 11.33
CA GLU A 92 0.21 -8.75 10.16
C GLU A 92 1.24 -7.85 9.51
N VAL A 93 1.28 -7.86 8.17
CA VAL A 93 2.16 -7.01 7.39
C VAL A 93 1.32 -6.21 6.39
N ILE A 94 1.61 -4.91 6.27
CA ILE A 94 0.83 -4.02 5.40
C ILE A 94 1.64 -3.59 4.19
N ILE A 95 1.12 -3.91 3.00
CA ILE A 95 1.72 -3.49 1.74
C ILE A 95 1.02 -2.22 1.26
N ILE A 96 1.79 -1.19 0.93
CA ILE A 96 1.23 0.11 0.59
C ILE A 96 1.58 0.59 -0.83
N GLY A 97 2.11 -0.30 -1.68
CA GLY A 97 2.44 0.05 -3.05
C GLY A 97 3.93 0.20 -3.29
N GLY A 98 4.35 0.60 -4.49
CA GLY A 98 3.45 1.03 -5.58
C GLY A 98 2.93 -0.10 -6.44
N ALA A 99 2.71 0.19 -7.72
CA ALA A 99 2.02 -0.72 -8.64
C ALA A 99 2.68 -2.09 -8.77
N ARG A 100 3.99 -2.11 -8.91
CA ARG A 100 4.75 -3.36 -9.05
C ARG A 100 4.72 -4.19 -7.76
N ILE A 101 4.72 -3.49 -6.62
CA ILE A 101 4.62 -4.15 -5.32
C ILE A 101 3.19 -4.67 -5.13
N PHE A 102 2.21 -3.81 -5.39
CA PHE A 102 0.79 -4.22 -5.33
C PHE A 102 0.51 -5.44 -6.20
N LYS A 103 1.07 -5.45 -7.42
CA LYS A 103 0.83 -6.52 -8.38
C LYS A 103 1.36 -7.86 -7.87
N GLU A 104 2.58 -7.86 -7.37
CA GLU A 104 3.20 -9.06 -6.85
C GLU A 104 2.54 -9.54 -5.55
N ALA A 105 2.08 -8.58 -4.74
CA ALA A 105 1.44 -8.89 -3.45
C ALA A 105 -0.01 -9.38 -3.59
N LEU A 106 -0.75 -8.85 -4.58
CA LEU A 106 -2.17 -9.20 -4.74
C LEU A 106 -2.47 -10.70 -4.61
N PRO A 107 -1.72 -11.57 -5.32
CA PRO A 107 -1.99 -13.01 -5.19
C PRO A 107 -1.69 -13.62 -3.81
N LYS A 108 -0.92 -12.92 -2.99
CA LYS A 108 -0.59 -13.38 -1.64
C LYS A 108 -1.39 -12.65 -0.55
N ALA A 109 -2.18 -11.64 -0.94
CA ALA A 109 -2.88 -10.79 0.01
C ALA A 109 -4.10 -11.47 0.61
N ASP A 110 -4.25 -11.33 1.92
CA ASP A 110 -5.41 -11.85 2.65
C ASP A 110 -6.52 -10.80 2.75
N LYS A 111 -6.13 -9.57 3.07
CA LYS A 111 -7.07 -8.48 3.27
C LYS A 111 -6.75 -7.30 2.36
N MET A 112 -7.75 -6.45 2.13
CA MET A 112 -7.56 -5.19 1.40
C MET A 112 -8.33 -4.07 2.11
N ILE A 113 -7.64 -2.97 2.39
CA ILE A 113 -8.27 -1.76 2.93
C ILE A 113 -8.11 -0.65 1.90
N LEU A 114 -9.12 -0.46 1.07
CA LEU A 114 -9.02 0.43 -0.08
C LEU A 114 -9.99 1.60 -0.02
N THR A 115 -9.51 2.78 -0.43
CA THR A 115 -10.34 3.97 -0.53
C THR A 115 -10.64 4.25 -2.00
N ILE A 116 -11.91 4.17 -2.38
CA ILE A 116 -12.34 4.41 -3.75
C ILE A 116 -13.03 5.76 -3.85
N ILE A 117 -12.62 6.56 -4.84
CA ILE A 117 -13.09 7.95 -4.98
C ILE A 117 -13.93 8.13 -6.23
N ASN A 118 -15.09 8.76 -6.08
CA ASN A 118 -16.00 9.00 -7.20
C ASN A 118 -15.54 10.19 -8.03
N HIS A 119 -14.50 9.99 -8.83
CA HIS A 119 -13.93 11.04 -9.68
C HIS A 119 -12.99 10.41 -10.71
N SER A 120 -12.80 11.11 -11.84
CA SER A 120 -11.90 10.65 -12.89
C SER A 120 -10.69 11.56 -13.01
N PHE A 121 -9.57 11.15 -12.42
CA PHE A 121 -8.33 11.94 -12.42
C PHE A 121 -7.39 11.51 -13.54
N GLU A 122 -6.48 12.41 -13.91
CA GLU A 122 -5.43 12.12 -14.88
C GLU A 122 -4.20 11.60 -14.14
N GLY A 123 -3.49 10.64 -14.73
CA GLY A 123 -2.29 10.07 -14.13
C GLY A 123 -1.56 9.10 -15.02
N ASP A 124 -0.58 8.38 -14.45
CA ASP A 124 0.23 7.42 -15.20
C ASP A 124 0.28 6.02 -14.56
N VAL A 125 0.47 5.95 -13.25
CA VAL A 125 0.52 4.66 -12.54
C VAL A 125 -0.85 4.28 -11.99
N TYR A 126 -1.12 2.97 -11.94
CA TYR A 126 -2.44 2.45 -11.55
C TYR A 126 -2.31 1.29 -10.57
N PHE A 127 -3.40 1.01 -9.86
CA PHE A 127 -3.48 -0.16 -8.98
C PHE A 127 -3.87 -1.36 -9.84
N PRO A 128 -3.14 -2.48 -9.71
CA PRO A 128 -3.41 -3.66 -10.54
C PRO A 128 -4.74 -4.34 -10.18
N GLU A 129 -5.48 -4.78 -11.19
CA GLU A 129 -6.86 -5.25 -11.01
C GLU A 129 -7.01 -6.58 -10.27
N TRP A 130 -7.86 -6.59 -9.25
CA TRP A 130 -8.25 -7.81 -8.55
C TRP A 130 -9.53 -8.41 -9.16
N ASN A 131 -9.87 -9.63 -8.75
CA ASN A 131 -11.03 -10.35 -9.27
C ASN A 131 -12.21 -10.29 -8.30
N ASP A 132 -13.18 -9.44 -8.59
CA ASP A 132 -14.32 -9.18 -7.70
C ASP A 132 -14.99 -10.45 -7.13
N LYS A 133 -14.94 -11.55 -7.88
CA LYS A 133 -15.54 -12.81 -7.44
C LYS A 133 -14.66 -13.63 -6.47
N GLU A 134 -13.46 -13.12 -6.15
CA GLU A 134 -12.56 -13.77 -5.20
C GLU A 134 -12.61 -13.16 -3.79
N TRP A 135 -13.16 -11.95 -3.68
CA TRP A 135 -13.10 -11.19 -2.42
C TRP A 135 -14.48 -10.96 -1.80
N LYS A 136 -14.50 -10.75 -0.48
CA LYS A 136 -15.73 -10.48 0.27
C LYS A 136 -15.61 -9.15 1.00
N ILE A 137 -16.55 -8.24 0.73
CA ILE A 137 -16.56 -6.92 1.36
C ILE A 137 -16.98 -7.03 2.83
N THR A 138 -16.02 -6.84 3.73
CA THR A 138 -16.29 -6.88 5.17
C THR A 138 -16.96 -5.60 5.65
N SER A 139 -16.32 -4.47 5.39
CA SER A 139 -16.82 -3.16 5.83
C SER A 139 -16.85 -2.14 4.68
N GLN A 140 -17.88 -1.30 4.68
CA GLN A 140 -18.06 -0.28 3.65
C GLN A 140 -18.68 0.98 4.26
N ILE A 141 -17.84 1.97 4.56
CA ILE A 141 -18.28 3.24 5.15
C ILE A 141 -18.31 4.33 4.09
N LYS A 142 -19.51 4.80 3.76
CA LYS A 142 -19.70 5.83 2.74
C LYS A 142 -19.73 7.22 3.38
N HIS A 143 -18.78 8.08 2.98
CA HIS A 143 -18.67 9.43 3.52
C HIS A 143 -19.12 10.47 2.50
N PHE A 153 -15.97 9.72 -1.56
CA PHE A 153 -15.11 8.56 -1.34
C PHE A 153 -15.72 7.60 -0.31
N GLN A 154 -15.08 6.45 -0.13
CA GLN A 154 -15.54 5.44 0.84
C GLN A 154 -14.43 4.50 1.29
N PHE A 155 -14.39 4.20 2.59
CA PHE A 155 -13.44 3.23 3.14
C PHE A 155 -13.97 1.82 2.93
N LEU A 156 -13.38 1.11 1.97
CA LEU A 156 -13.84 -0.21 1.58
C LEU A 156 -12.86 -1.29 2.04
N GLU A 157 -13.32 -2.13 2.97
CA GLU A 157 -12.53 -3.25 3.47
C GLU A 157 -12.98 -4.56 2.81
N LEU A 158 -12.04 -5.26 2.18
CA LEU A 158 -12.32 -6.56 1.57
C LEU A 158 -11.46 -7.63 2.23
N ARG A 159 -11.96 -8.87 2.21
CA ARG A 159 -11.27 -10.00 2.83
C ARG A 159 -11.45 -11.24 1.95
N ARG A 160 -10.35 -11.90 1.61
CA ARG A 160 -10.38 -13.08 0.74
C ARG A 160 -10.91 -14.29 1.48
PA NDP B . 6.92 1.67 -6.82
O1A NDP B . 6.22 0.39 -7.17
O2A NDP B . 6.60 2.40 -5.54
O5B NDP B . 8.50 1.37 -6.82
C5B NDP B . 9.17 0.94 -7.99
C4B NDP B . 10.64 0.72 -7.62
O4B NDP B . 10.70 -0.04 -6.41
C3B NDP B . 11.46 -0.06 -8.64
O3B NDP B . 12.13 0.80 -9.58
C2B NDP B . 12.45 -0.76 -7.76
O2B NDP B . 13.46 0.16 -7.38
C1B NDP B . 11.64 -1.11 -6.52
N9A NDP B . 10.95 -2.41 -6.61
C8A NDP B . 9.64 -2.60 -6.90
N7A NDP B . 9.33 -3.92 -6.88
C5A NDP B . 10.44 -4.61 -6.58
C6A NDP B . 10.80 -6.04 -6.40
N6A NDP B . 9.88 -7.02 -6.55
N1A NDP B . 12.07 -6.33 -6.08
C2A NDP B . 13.01 -5.37 -5.92
N3A NDP B . 12.74 -4.06 -6.07
C4A NDP B . 11.51 -3.62 -6.39
O3 NDP B . 6.78 2.71 -8.05
PN NDP B . 5.39 3.39 -8.49
O1N NDP B . 4.43 2.32 -8.93
O2N NDP B . 5.74 4.51 -9.45
O5D NDP B . 4.84 4.04 -7.13
C5D NDP B . 4.99 5.42 -6.83
C4D NDP B . 3.79 6.20 -7.35
O4D NDP B . 2.58 5.54 -6.99
C3D NDP B . 3.72 7.59 -6.73
O3D NDP B . 3.16 8.53 -7.66
C2D NDP B . 2.79 7.41 -5.54
O2D NDP B . 2.11 8.62 -5.19
C1D NDP B . 1.83 6.35 -6.05
N1N NDP B . 1.28 5.53 -4.97
C2N NDP B . -0.02 5.72 -4.65
C3N NDP B . -0.64 4.99 -3.65
C7N NDP B . -2.09 5.23 -3.30
O7N NDP B . -2.61 4.56 -2.42
N7N NDP B . -2.78 6.15 -3.97
C4N NDP B . 0.18 3.97 -2.93
C5N NDP B . 1.58 3.82 -3.35
C6N NDP B . 2.05 4.63 -4.37
P2B NDP B . 14.99 0.06 -7.81
O1X NDP B . 15.03 0.65 -9.19
O2X NDP B . 15.70 0.89 -6.75
O3X NDP B . 15.32 -1.41 -7.74
N1 FOL C . -3.24 4.53 1.18
C2 FOL C . -4.29 5.43 1.22
NA2 FOL C . -5.50 5.05 1.62
N3 FOL C . -4.09 6.75 0.84
C4 FOL C . -2.85 7.18 0.43
O4 FOL C . -2.68 8.35 0.09
C4A FOL C . -1.78 6.27 0.38
N5 FOL C . -0.53 6.67 -0.03
C6 FOL C . 0.51 5.77 -0.08
C7 FOL C . 0.31 4.45 0.31
N8 FOL C . -0.94 4.04 0.73
C8A FOL C . -1.99 4.95 0.76
C9 FOL C . 1.89 6.19 -0.52
N10 FOL C . 2.12 7.61 -0.29
C11 FOL C . 1.58 9.60 3.29
C12 FOL C . 1.47 10.27 2.07
C13 FOL C . 1.66 9.58 0.87
C14 FOL C . 1.95 8.22 0.89
C15 FOL C . 2.05 7.54 2.11
C16 FOL C . 1.87 8.23 3.31
C FOL C . 1.38 10.37 4.56
O FOL C . 1.72 11.73 4.57
N FOL C . 0.89 9.75 5.63
CA FOL C . 1.05 10.28 6.97
CB FOL C . -0.11 11.20 7.32
CG FOL C . 0.33 12.30 8.27
CD FOL C . -0.85 13.14 8.73
OE1 FOL C . -0.74 14.39 8.77
OE2 FOL C . -1.93 12.61 9.07
CT FOL C . 1.15 9.17 7.98
O1 FOL C . 0.93 7.98 7.66
O2 FOL C . 1.44 9.42 9.17
#